data_5E0M
#
_entry.id   5E0M
#
_cell.length_a   44.540
_cell.length_b   44.540
_cell.length_c   205.016
_cell.angle_alpha   90.00
_cell.angle_beta   90.00
_cell.angle_gamma   120.00
#
_symmetry.space_group_name_H-M   'P 61 2 2'
#
loop_
_entity.id
_entity.type
_entity.pdbx_description
1 polymer 'Dynein light chain 1, cytoplasmic'
2 polymer 'Protein Chica peptide'
3 non-polymer 'SULFATE ION'
4 water water
#
loop_
_entity_poly.entity_id
_entity_poly.type
_entity_poly.pdbx_seq_one_letter_code
_entity_poly.pdbx_strand_id
1 'polypeptide(L)'
;MSDRKAVIKNADMSEEMQQDAVDCATQALEKYNIEKDIAAYIKKEFDKKYNPTWHCIVGRNFGSYVTHETRHFIYFYLGQ
VAILLFKSG
;
A
2 'polypeptide(L)' SYWSRSTTTQTDM C
#
# COMPACT_ATOMS: atom_id res chain seq x y z
N ASP A 3 13.21 -1.53 -13.44
CA ASP A 3 12.18 -2.28 -12.73
C ASP A 3 12.33 -2.06 -11.22
N ARG A 4 11.23 -1.71 -10.56
CA ARG A 4 11.27 -1.20 -9.19
C ARG A 4 11.35 -2.29 -8.13
N LYS A 5 12.19 -2.05 -7.13
CA LYS A 5 12.45 -2.98 -6.06
C LYS A 5 11.40 -2.89 -4.98
N ALA A 6 10.76 -4.01 -4.65
CA ALA A 6 9.77 -4.05 -3.60
C ALA A 6 10.42 -4.36 -2.26
N VAL A 7 10.17 -3.51 -1.26
CA VAL A 7 10.66 -3.74 0.09
C VAL A 7 9.47 -3.58 1.02
N ILE A 8 9.01 -4.69 1.59
CA ILE A 8 7.87 -4.66 2.49
C ILE A 8 8.40 -4.36 3.88
N LYS A 9 7.89 -3.29 4.48
CA LYS A 9 8.45 -2.77 5.73
C LYS A 9 7.68 -3.29 6.95
N ASN A 10 6.36 -3.38 6.81
CA ASN A 10 5.50 -3.84 7.89
CA ASN A 10 5.50 -3.85 7.88
C ASN A 10 4.25 -4.45 7.25
N ALA A 11 3.89 -5.64 7.66
CA ALA A 11 2.73 -6.30 7.08
C ALA A 11 2.00 -7.11 8.13
N ASP A 12 0.68 -6.96 8.13
CA ASP A 12 -0.20 -7.87 8.83
C ASP A 12 -1.20 -8.32 7.78
N MET A 13 -0.82 -9.34 7.03
CA MET A 13 -1.50 -9.65 5.78
C MET A 13 -0.98 -10.97 5.22
N SER A 14 -1.87 -11.73 4.60
CA SER A 14 -1.48 -13.01 4.01
C SER A 14 -0.41 -12.79 2.94
N GLU A 15 0.47 -13.77 2.75
CA GLU A 15 1.54 -13.63 1.78
C GLU A 15 0.97 -13.45 0.36
N GLU A 16 -0.16 -14.08 0.09
CA GLU A 16 -0.79 -13.99 -1.23
C GLU A 16 -1.25 -12.56 -1.49
N MET A 17 -1.79 -11.94 -0.44
CA MET A 17 -2.30 -10.58 -0.57
CA MET A 17 -2.31 -10.59 -0.58
C MET A 17 -1.16 -9.57 -0.62
N GLN A 18 -0.09 -9.84 0.13
CA GLN A 18 1.06 -8.95 0.09
C GLN A 18 1.58 -8.95 -1.33
N GLN A 19 1.62 -10.12 -1.96
CA GLN A 19 2.13 -10.20 -3.32
C GLN A 19 1.23 -9.46 -4.31
N ASP A 20 -0.07 -9.52 -4.07
CA ASP A 20 -1.01 -8.84 -4.94
C ASP A 20 -0.84 -7.33 -4.78
N ALA A 21 -0.61 -6.88 -3.56
CA ALA A 21 -0.47 -5.46 -3.32
C ALA A 21 0.73 -4.95 -4.10
N VAL A 22 1.81 -5.72 -4.07
CA VAL A 22 3.02 -5.33 -4.79
C VAL A 22 2.78 -5.35 -6.30
N ASP A 23 2.02 -6.31 -6.78
CA ASP A 23 1.71 -6.39 -8.22
C ASP A 23 0.85 -5.21 -8.61
N CYS A 24 -0.16 -4.96 -7.81
CA CYS A 24 -1.10 -3.88 -8.05
CA CYS A 24 -1.10 -3.86 -8.05
C CYS A 24 -0.37 -2.53 -8.08
N ALA A 25 0.54 -2.34 -7.13
CA ALA A 25 1.28 -1.09 -7.07
C ALA A 25 2.20 -0.97 -8.29
N THR A 26 2.77 -2.09 -8.73
CA THR A 26 3.57 -2.11 -9.94
C THR A 26 2.73 -1.67 -11.16
N GLN A 27 1.53 -2.22 -11.29
CA GLN A 27 0.63 -1.82 -12.37
C GLN A 27 0.36 -0.32 -12.26
N ALA A 28 0.10 0.14 -11.05
CA ALA A 28 -0.27 1.54 -10.84
C ALA A 28 0.85 2.47 -11.27
N LEU A 29 2.09 2.10 -10.96
CA LEU A 29 3.20 2.97 -11.28
C LEU A 29 3.51 2.95 -12.78
N GLU A 30 3.07 1.90 -13.46
CA GLU A 30 3.26 1.82 -14.91
C GLU A 30 2.32 2.80 -15.59
N LYS A 31 1.08 2.84 -15.11
CA LYS A 31 0.03 3.64 -15.71
C LYS A 31 0.06 5.12 -15.29
N TYR A 32 0.34 5.39 -14.02
CA TYR A 32 0.18 6.74 -13.46
C TYR A 32 1.47 7.32 -12.87
N ASN A 33 1.58 8.66 -12.86
CA ASN A 33 2.74 9.32 -12.26
C ASN A 33 2.40 10.09 -10.99
N ILE A 34 1.12 10.40 -10.79
CA ILE A 34 0.71 11.25 -9.67
CA ILE A 34 0.69 11.23 -9.68
C ILE A 34 0.32 10.35 -8.49
N GLU A 35 0.81 10.71 -7.30
CA GLU A 35 0.64 9.83 -6.15
C GLU A 35 -0.81 9.50 -5.84
N LYS A 36 -1.71 10.47 -5.93
CA LYS A 36 -3.11 10.19 -5.59
C LYS A 36 -3.76 9.26 -6.61
N ASP A 37 -3.27 9.30 -7.85
CA ASP A 37 -3.85 8.42 -8.88
C ASP A 37 -3.35 6.99 -8.68
N ILE A 38 -2.08 6.89 -8.29
CA ILE A 38 -1.49 5.60 -7.93
C ILE A 38 -2.25 5.02 -6.74
N ALA A 39 -2.43 5.81 -5.71
CA ALA A 39 -3.18 5.34 -4.55
C ALA A 39 -4.61 4.94 -4.90
N ALA A 40 -5.26 5.70 -5.78
CA ALA A 40 -6.65 5.41 -6.10
C ALA A 40 -6.78 4.06 -6.85
N TYR A 41 -5.82 3.79 -7.72
CA TYR A 41 -5.81 2.54 -8.50
C TYR A 41 -5.63 1.33 -7.58
N ILE A 42 -4.71 1.43 -6.63
CA ILE A 42 -4.46 0.33 -5.69
C ILE A 42 -5.68 0.10 -4.81
N LYS A 43 -6.21 1.18 -4.24
CA LYS A 43 -7.36 1.06 -3.36
C LYS A 43 -8.52 0.38 -4.09
N LYS A 44 -8.76 0.79 -5.32
CA LYS A 44 -9.90 0.26 -6.07
C LYS A 44 -9.71 -1.21 -6.41
N GLU A 45 -8.50 -1.60 -6.82
CA GLU A 45 -8.22 -3.00 -7.10
C GLU A 45 -8.45 -3.84 -5.86
N PHE A 46 -8.04 -3.35 -4.69
CA PHE A 46 -8.18 -4.16 -3.50
C PHE A 46 -9.62 -4.20 -3.00
N ASP A 47 -10.35 -3.11 -3.21
CA ASP A 47 -11.78 -3.13 -2.89
C ASP A 47 -12.46 -4.25 -3.69
N LYS A 48 -12.01 -4.42 -4.92
CA LYS A 48 -12.61 -5.41 -5.83
C LYS A 48 -12.13 -6.82 -5.52
N LYS A 49 -10.82 -7.01 -5.60
CA LYS A 49 -10.19 -8.31 -5.35
C LYS A 49 -10.45 -8.84 -3.95
N TYR A 50 -10.51 -7.95 -2.95
CA TYR A 50 -10.50 -8.39 -1.56
C TYR A 50 -11.57 -7.74 -0.69
N ASN A 51 -12.58 -7.16 -1.33
CA ASN A 51 -13.74 -6.60 -0.64
C ASN A 51 -13.41 -5.24 -0.01
N PRO A 52 -14.38 -4.32 0.01
CA PRO A 52 -14.19 -3.05 0.74
C PRO A 52 -14.03 -3.25 2.25
N THR A 53 -13.53 -2.26 3.00
CA THR A 53 -13.15 -0.94 2.52
C THR A 53 -11.66 -0.70 2.74
N TRP A 54 -10.92 -0.42 1.67
CA TRP A 54 -9.49 -0.14 1.77
C TRP A 54 -9.15 1.34 1.62
N HIS A 55 -7.97 1.69 2.11
CA HIS A 55 -7.45 3.04 2.09
C HIS A 55 -6.01 2.95 1.66
N CYS A 56 -5.57 3.89 0.85
CA CYS A 56 -4.21 3.84 0.33
C CYS A 56 -3.59 5.23 0.35
N ILE A 57 -2.37 5.28 0.89
CA ILE A 57 -1.54 6.47 0.85
C ILE A 57 -0.26 6.12 0.12
N VAL A 58 0.13 7.00 -0.79
CA VAL A 58 1.31 6.80 -1.60
C VAL A 58 2.13 8.07 -1.53
N GLY A 59 3.41 7.95 -1.20
N GLY A 59 3.41 7.95 -1.23
CA GLY A 59 4.25 9.12 -1.09
CA GLY A 59 4.26 9.12 -1.14
C GLY A 59 5.70 8.86 -0.74
C GLY A 59 5.70 8.86 -0.74
N ARG A 60 6.50 9.92 -0.75
CA ARG A 60 7.91 9.84 -0.43
C ARG A 60 8.20 10.40 0.94
N ASN A 61 7.26 11.17 1.49
CA ASN A 61 7.44 11.73 2.83
C ASN A 61 6.15 11.87 3.61
N PHE A 62 5.93 10.94 4.52
CA PHE A 62 4.79 10.98 5.41
C PHE A 62 4.96 10.01 6.56
N GLY A 63 4.32 10.32 7.68
CA GLY A 63 4.17 9.38 8.75
C GLY A 63 2.69 9.19 8.96
N SER A 64 2.31 8.11 9.63
CA SER A 64 0.93 7.83 9.84
C SER A 64 0.71 7.16 11.18
N TYR A 65 -0.52 7.30 11.67
CA TYR A 65 -1.03 6.46 12.74
C TYR A 65 -2.46 6.09 12.37
N VAL A 66 -2.65 4.82 12.02
CA VAL A 66 -3.94 4.33 11.56
C VAL A 66 -4.31 3.12 12.39
N THR A 67 -5.60 2.83 12.47
CA THR A 67 -6.07 1.64 13.16
C THR A 67 -6.60 0.69 12.12
N HIS A 68 -5.94 -0.44 11.94
CA HIS A 68 -6.35 -1.36 10.90
C HIS A 68 -6.93 -2.65 11.43
N GLU A 69 -7.74 -3.27 10.58
CA GLU A 69 -8.28 -4.59 10.82
C GLU A 69 -7.12 -5.57 10.79
N THR A 70 -7.11 -6.53 11.72
CA THR A 70 -6.03 -7.51 11.74
C THR A 70 -6.04 -8.26 10.41
N ARG A 71 -4.83 -8.48 9.89
CA ARG A 71 -4.60 -9.20 8.63
C ARG A 71 -4.99 -8.38 7.39
N HIS A 72 -5.09 -7.08 7.55
CA HIS A 72 -5.38 -6.21 6.41
C HIS A 72 -4.59 -4.91 6.48
N PHE A 73 -3.27 -5.06 6.50
CA PHE A 73 -2.37 -3.91 6.59
C PHE A 73 -1.07 -4.24 5.87
N ILE A 74 -0.64 -3.36 4.99
CA ILE A 74 0.70 -3.47 4.45
C ILE A 74 1.27 -2.08 4.25
N TYR A 75 2.56 -1.98 4.56
CA TYR A 75 3.32 -0.77 4.38
C TYR A 75 4.57 -1.21 3.67
N PHE A 76 4.77 -0.73 2.46
CA PHE A 76 5.93 -1.11 1.69
C PHE A 76 6.38 -0.04 0.72
N TYR A 77 7.63 -0.19 0.30
CA TYR A 77 8.20 0.61 -0.75
C TYR A 77 8.21 -0.14 -2.08
N LEU A 78 7.89 0.58 -3.14
CA LEU A 78 8.13 0.08 -4.49
CA LEU A 78 8.12 0.10 -4.50
C LEU A 78 9.06 1.11 -5.13
N GLY A 79 10.33 0.76 -5.19
CA GLY A 79 11.34 1.73 -5.56
C GLY A 79 11.38 2.80 -4.48
N GLN A 80 11.27 4.05 -4.92
CA GLN A 80 11.48 5.20 -4.04
C GLN A 80 10.18 5.62 -3.34
N VAL A 81 9.07 4.98 -3.71
CA VAL A 81 7.75 5.40 -3.26
C VAL A 81 7.25 4.49 -2.15
N ALA A 82 6.70 5.09 -1.10
CA ALA A 82 6.12 4.32 -0.01
C ALA A 82 4.62 4.20 -0.18
N ILE A 83 4.10 3.05 0.18
CA ILE A 83 2.70 2.74 -0.02
C ILE A 83 2.15 2.15 1.26
N LEU A 84 1.08 2.76 1.75
CA LEU A 84 0.35 2.29 2.91
C LEU A 84 -1.03 1.87 2.45
N LEU A 85 -1.38 0.61 2.68
CA LEU A 85 -2.64 0.07 2.22
C LEU A 85 -3.26 -0.75 3.34
N PHE A 86 -4.51 -0.46 3.69
CA PHE A 86 -5.13 -1.11 4.83
C PHE A 86 -6.64 -0.98 4.84
N LYS A 87 -7.30 -1.87 5.58
CA LYS A 87 -8.71 -1.72 5.92
C LYS A 87 -8.81 -1.18 7.33
N SER A 88 -9.85 -0.41 7.64
CA SER A 88 -9.94 0.18 8.97
C SER A 88 -10.39 -0.83 10.01
N GLY A 89 -9.77 -0.76 11.19
CA GLY A 89 -10.19 -1.54 12.34
C GLY A 89 -11.11 -0.73 13.22
N ARG B 5 -5.65 -3.26 15.12
CA ARG B 5 -4.56 -2.68 15.88
C ARG B 5 -4.12 -1.37 15.26
N SER B 6 -3.51 -0.52 16.08
CA SER B 6 -2.99 0.75 15.61
C SER B 6 -1.49 0.65 15.46
N THR B 7 -0.97 1.13 14.33
CA THR B 7 0.47 1.14 14.12
C THR B 7 0.90 2.41 13.44
N THR B 8 2.18 2.73 13.60
CA THR B 8 2.76 3.89 12.94
C THR B 8 3.51 3.42 11.71
N THR B 9 3.60 4.31 10.74
CA THR B 9 4.54 4.16 9.64
C THR B 9 5.28 5.47 9.54
N GLN B 10 6.52 5.40 9.10
CA GLN B 10 7.30 6.60 8.84
C GLN B 10 8.22 6.37 7.65
N THR B 11 8.14 7.22 6.64
CA THR B 11 9.02 7.12 5.49
C THR B 11 10.46 7.36 5.88
N ASP B 12 11.36 6.65 5.21
CA ASP B 12 12.80 6.79 5.41
C ASP B 12 13.26 8.18 5.01
N MET B 13 12.69 8.70 3.93
CA MET B 13 12.96 10.05 3.46
C MET B 13 11.80 10.99 3.82
#